data_3GKJ
#
_entry.id   3GKJ
#
_cell.length_a   65.926
_cell.length_b   65.926
_cell.length_c   82.988
_cell.angle_alpha   90.00
_cell.angle_beta   90.00
_cell.angle_gamma   120.00
#
_symmetry.space_group_name_H-M   'P 64'
#
loop_
_entity.id
_entity.type
_entity.pdbx_description
1 polymer 'Niemann-Pick C1 protein'
2 branched 2-acetamido-2-deoxy-beta-D-glucopyranose-(1-4)-2-acetamido-2-deoxy-beta-D-glucopyranose
3 non-polymer 2-acetamido-2-deoxy-beta-D-glucopyranose
4 non-polymer 25-HYDROXYCHOLESTEROL
5 water water
#
_entity_poly.entity_id   1
_entity_poly.type   'polypeptide(L)'
_entity_poly.pdbx_seq_one_letter_code
;GAQSCVWYGECGIAYGDKRYNCEYSGPPKPLPKDGYDLVQELCPGFFFGQVSLCCDVRQLQTLKDNLQLPLQFLSRCPSC
FYNLLNLFCELTCSPRQSQFLQVTATEDYVDPVTNQTKTNVKELQYYVGQSFANAMYNACRDVEAPSSNDKALGLLCGKD
ADACQATNWIEYMFNKDNGQAPFTITPVFSDFPVHGMEPMNNATKGCDESVDEVTAPCSCQDCSIVCGPKPQ
;
_entity_poly.pdbx_strand_id   A
#
loop_
_chem_comp.id
_chem_comp.type
_chem_comp.name
_chem_comp.formula
HC3 non-polymer 25-HYDROXYCHOLESTEROL 'C27 H46 O2'
NAG D-saccharide, beta linking 2-acetamido-2-deoxy-beta-D-glucopyranose 'C8 H15 N O6'
#
# COMPACT_ATOMS: atom_id res chain seq x y z
N GLN A 3 17.98 6.96 -8.02
CA GLN A 3 16.70 6.83 -7.25
C GLN A 3 15.93 8.14 -7.27
N SER A 4 14.63 8.05 -7.55
CA SER A 4 13.79 9.23 -7.61
C SER A 4 12.38 8.96 -7.13
N CYS A 5 11.81 10.00 -6.52
CA CYS A 5 10.45 10.02 -6.00
C CYS A 5 9.47 10.56 -7.02
N VAL A 6 8.19 10.37 -6.75
CA VAL A 6 7.10 11.07 -7.44
C VAL A 6 6.33 11.98 -6.51
N TRP A 7 6.42 11.71 -5.21
CA TRP A 7 5.82 12.58 -4.20
C TRP A 7 6.64 12.71 -2.93
N TYR A 8 6.28 13.66 -2.07
CA TYR A 8 6.87 13.74 -0.74
C TYR A 8 6.03 14.65 0.15
N GLY A 9 5.48 14.12 1.23
CA GLY A 9 4.66 14.90 2.14
C GLY A 9 3.22 15.04 1.67
N GLU A 10 2.38 15.53 2.58
CA GLU A 10 0.96 15.73 2.27
C GLU A 10 0.63 17.17 1.90
N CYS A 11 -0.31 17.31 0.96
CA CYS A 11 -0.75 18.61 0.48
C CYS A 11 -2.25 18.83 0.82
N GLY A 12 -3.09 19.09 -0.18
CA GLY A 12 -4.46 19.53 0.07
C GLY A 12 -5.46 18.41 0.37
N ILE A 13 -6.64 18.80 0.85
CA ILE A 13 -7.73 17.85 1.05
C ILE A 13 -8.29 17.35 -0.27
N ALA A 14 -8.48 16.04 -0.34
CA ALA A 14 -9.19 15.42 -1.45
C ALA A 14 -10.69 15.42 -1.18
N TYR A 15 -11.10 14.71 -0.13
CA TYR A 15 -12.48 14.70 0.37
C TYR A 15 -12.44 14.21 1.82
N GLY A 16 -13.53 14.43 2.56
CA GLY A 16 -13.56 14.08 3.99
C GLY A 16 -12.30 14.54 4.70
N ASP A 17 -11.67 13.62 5.44
CA ASP A 17 -10.40 13.96 6.13
C ASP A 17 -9.17 13.52 5.35
N LYS A 18 -9.34 13.39 4.04
CA LYS A 18 -8.36 12.70 3.22
C LYS A 18 -7.55 13.66 2.37
N ARG A 19 -6.26 13.35 2.23
CA ARG A 19 -5.31 14.27 1.61
C ARG A 19 -4.68 13.68 0.35
N TYR A 20 -4.39 14.58 -0.58
CA TYR A 20 -3.44 14.28 -1.63
C TYR A 20 -2.02 14.47 -1.09
N ASN A 21 -1.09 13.78 -1.72
CA ASN A 21 0.33 14.02 -1.46
C ASN A 21 0.92 15.08 -2.39
N CYS A 22 2.01 15.72 -1.98
CA CYS A 22 2.64 16.77 -2.78
C CYS A 22 3.54 16.17 -3.83
N GLU A 23 3.41 16.64 -5.07
CA GLU A 23 4.30 16.21 -6.11
C GLU A 23 5.76 16.60 -5.80
N TYR A 24 6.66 15.65 -6.03
CA TYR A 24 8.09 15.85 -5.80
C TYR A 24 8.87 14.83 -6.61
N SER A 25 9.82 15.31 -7.39
CA SER A 25 10.55 14.42 -8.30
C SER A 25 12.06 14.34 -8.02
N GLY A 26 12.46 14.77 -6.83
CA GLY A 26 13.85 14.65 -6.40
C GLY A 26 14.18 13.29 -5.80
N PRO A 27 15.39 13.16 -5.28
CA PRO A 27 15.84 11.93 -4.61
C PRO A 27 15.12 11.72 -3.27
N PRO A 28 15.13 10.47 -2.77
CA PRO A 28 14.52 10.21 -1.46
C PRO A 28 15.30 10.94 -0.37
N LYS A 29 14.63 11.19 0.74
CA LYS A 29 15.21 11.96 1.84
C LYS A 29 15.30 11.13 3.11
N PRO A 30 16.41 11.26 3.86
CA PRO A 30 16.52 10.52 5.10
C PRO A 30 15.37 10.88 6.03
N LEU A 31 14.70 9.85 6.55
CA LEU A 31 13.57 10.07 7.43
C LEU A 31 14.04 10.61 8.77
N PRO A 32 13.34 11.63 9.30
CA PRO A 32 13.68 12.10 10.65
C PRO A 32 13.54 10.99 11.68
N LYS A 33 14.36 11.06 12.72
CA LYS A 33 14.35 10.05 13.76
C LYS A 33 12.99 9.91 14.43
N ASP A 34 12.22 11.00 14.46
CA ASP A 34 10.88 10.95 15.05
C ASP A 34 9.90 10.06 14.29
N GLY A 35 10.26 9.60 13.10
CA GLY A 35 9.45 8.63 12.34
C GLY A 35 9.96 7.20 12.42
N TYR A 36 11.04 6.97 13.17
CA TYR A 36 11.65 5.64 13.20
C TYR A 36 10.72 4.57 13.78
N ASP A 37 9.96 4.91 14.83
CA ASP A 37 8.96 3.97 15.36
C ASP A 37 7.93 3.56 14.31
N LEU A 38 7.42 4.53 13.56
CA LEU A 38 6.42 4.25 12.54
C LEU A 38 7.00 3.38 11.45
N VAL A 39 8.21 3.70 10.98
CA VAL A 39 8.78 2.94 9.88
C VAL A 39 9.12 1.51 10.32
N GLN A 40 9.61 1.36 11.55
CA GLN A 40 9.90 0.04 12.09
C GLN A 40 8.63 -0.80 12.15
N GLU A 41 7.52 -0.15 12.47
CA GLU A 41 6.24 -0.83 12.69
C GLU A 41 5.56 -1.23 11.38
N LEU A 42 5.65 -0.34 10.40
CA LEU A 42 4.85 -0.45 9.18
C LEU A 42 5.64 -1.07 8.03
N CYS A 43 6.90 -0.65 7.90
CA CYS A 43 7.72 -0.95 6.71
C CYS A 43 9.15 -1.24 7.14
N PRO A 44 9.34 -2.26 8.00
CA PRO A 44 10.68 -2.54 8.56
C PRO A 44 11.73 -2.90 7.49
N GLY A 45 11.26 -3.30 6.31
CA GLY A 45 12.17 -3.56 5.18
C GLY A 45 12.96 -2.34 4.75
N PHE A 46 12.39 -1.16 4.99
CA PHE A 46 13.05 0.09 4.64
C PHE A 46 13.94 0.62 5.75
N PHE A 47 13.92 -0.03 6.90
CA PHE A 47 14.53 0.53 8.10
C PHE A 47 16.00 0.14 8.25
N PHE A 48 16.83 0.78 7.43
CA PHE A 48 18.28 0.54 7.42
C PHE A 48 19.01 1.73 6.82
N GLY A 49 20.31 1.84 7.10
CA GLY A 49 21.12 2.92 6.55
C GLY A 49 20.59 4.28 6.95
N GLN A 50 20.53 5.21 6.01
CA GLN A 50 20.01 6.55 6.26
C GLN A 50 18.47 6.61 6.27
N VAL A 51 17.83 5.47 6.02
CA VAL A 51 16.36 5.39 5.93
C VAL A 51 15.87 6.48 4.95
N SER A 52 16.45 6.50 3.75
CA SER A 52 16.11 7.49 2.75
C SER A 52 14.87 7.01 2.02
N LEU A 53 13.81 7.79 2.15
CA LEU A 53 12.51 7.38 1.65
C LEU A 53 11.82 8.47 0.86
N CYS A 54 10.81 8.09 0.09
CA CYS A 54 9.97 9.05 -0.62
C CYS A 54 8.69 9.39 0.16
N CYS A 55 8.74 9.20 1.47
CA CYS A 55 7.64 9.59 2.33
C CYS A 55 8.18 10.31 3.57
N ASP A 56 7.33 11.16 4.14
CA ASP A 56 7.65 11.80 5.42
C ASP A 56 6.90 11.18 6.59
N VAL A 57 7.10 11.71 7.79
CA VAL A 57 6.44 11.14 8.96
C VAL A 57 4.93 11.27 8.86
N ARG A 58 4.43 12.40 8.35
CA ARG A 58 3.00 12.57 8.20
C ARG A 58 2.35 11.44 7.37
N GLN A 59 2.99 11.09 6.24
CA GLN A 59 2.48 10.02 5.38
C GLN A 59 2.46 8.68 6.10
N LEU A 60 3.50 8.41 6.89
CA LEU A 60 3.54 7.13 7.63
C LEU A 60 2.42 7.09 8.68
N GLN A 61 2.20 8.21 9.38
CA GLN A 61 1.10 8.30 10.33
C GLN A 61 -0.24 8.06 9.63
N THR A 62 -0.39 8.66 8.45
CA THR A 62 -1.61 8.48 7.68
C THR A 62 -1.76 7.02 7.27
N LEU A 63 -0.68 6.40 6.81
CA LEU A 63 -0.73 4.97 6.50
C LEU A 63 -1.19 4.16 7.73
N LYS A 64 -0.58 4.38 8.89
CA LYS A 64 -0.99 3.66 10.11
C LYS A 64 -2.47 3.83 10.41
N ASP A 65 -2.95 5.06 10.30
CA ASP A 65 -4.32 5.40 10.66
C ASP A 65 -5.28 4.69 9.74
N ASN A 66 -4.87 4.50 8.49
CA ASN A 66 -5.72 3.86 7.50
C ASN A 66 -5.70 2.34 7.54
N LEU A 67 -4.93 1.77 8.45
CA LEU A 67 -4.79 0.31 8.48
C LEU A 67 -5.94 -0.38 9.18
N GLN A 68 -6.83 0.41 9.78
CA GLN A 68 -7.87 -0.16 10.62
C GLN A 68 -8.74 -1.17 9.89
N LEU A 69 -9.18 -0.87 8.67
CA LEU A 69 -10.14 -1.79 8.02
C LEU A 69 -9.46 -3.05 7.47
N PRO A 70 -8.30 -2.91 6.84
CA PRO A 70 -7.60 -4.17 6.55
C PRO A 70 -7.34 -5.01 7.78
N LEU A 71 -6.95 -4.39 8.89
CA LEU A 71 -6.72 -5.12 10.11
C LEU A 71 -8.02 -5.74 10.58
N GLN A 72 -9.13 -5.01 10.41
CA GLN A 72 -10.45 -5.47 10.87
C GLN A 72 -10.71 -6.87 10.36
N PHE A 73 -10.30 -7.13 9.12
CA PHE A 73 -10.68 -8.39 8.49
C PHE A 73 -9.54 -9.39 8.29
N LEU A 74 -8.30 -8.90 8.30
CA LEU A 74 -7.15 -9.75 7.97
C LEU A 74 -6.17 -9.97 9.10
N SER A 75 -6.43 -9.38 10.27
CA SER A 75 -5.41 -9.36 11.34
C SER A 75 -5.00 -10.74 11.79
N ARG A 76 -5.93 -11.68 11.73
CA ARG A 76 -5.66 -13.01 12.27
C ARG A 76 -4.69 -13.81 11.41
N CYS A 77 -4.46 -13.38 10.17
CA CYS A 77 -3.50 -14.08 9.29
C CYS A 77 -2.34 -13.15 8.95
N PRO A 78 -1.27 -13.16 9.75
CA PRO A 78 -0.22 -12.16 9.57
C PRO A 78 0.44 -12.15 8.19
N SER A 79 0.64 -13.30 7.58
CA SER A 79 1.26 -13.32 6.24
C SER A 79 0.40 -12.59 5.21
N CYS A 80 -0.91 -12.83 5.26
CA CYS A 80 -1.86 -12.14 4.38
C CYS A 80 -1.75 -10.62 4.56
N PHE A 81 -1.79 -10.18 5.80
CA PHE A 81 -1.71 -8.74 6.09
C PHE A 81 -0.36 -8.15 5.68
N TYR A 82 0.72 -8.90 5.90
CA TYR A 82 2.09 -8.48 5.57
C TYR A 82 2.29 -8.06 4.11
N ASN A 83 1.85 -8.92 3.18
CA ASN A 83 2.02 -8.57 1.75
C ASN A 83 1.21 -7.36 1.41
N LEU A 84 0.01 -7.24 2.00
CA LEU A 84 -0.82 -6.06 1.74
C LEU A 84 -0.11 -4.81 2.24
N LEU A 85 0.42 -4.87 3.46
CA LEU A 85 1.16 -3.75 4.02
C LEU A 85 2.31 -3.37 3.10
N ASN A 86 3.01 -4.36 2.54
CA ASN A 86 4.15 -4.09 1.64
C ASN A 86 3.73 -3.41 0.35
N LEU A 87 2.56 -3.78 -0.19
CA LEU A 87 2.02 -3.08 -1.35
C LEU A 87 1.88 -1.58 -1.05
N PHE A 88 1.36 -1.28 0.14
CA PHE A 88 1.18 0.11 0.52
C PHE A 88 2.48 0.82 0.90
N CYS A 89 3.38 0.10 1.58
CA CYS A 89 4.72 0.64 1.95
C CYS A 89 5.49 1.06 0.70
N GLU A 90 5.47 0.22 -0.31
CA GLU A 90 6.23 0.48 -1.55
C GLU A 90 5.67 1.72 -2.24
N LEU A 91 4.36 1.77 -2.36
CA LEU A 91 3.69 2.94 -2.93
C LEU A 91 4.00 4.23 -2.16
N THR A 92 3.93 4.13 -0.83
CA THR A 92 4.02 5.31 0.00
C THR A 92 5.46 5.84 0.08
N CYS A 93 6.41 4.93 0.24
CA CYS A 93 7.75 5.28 0.68
C CYS A 93 8.94 4.85 -0.16
N SER A 94 8.77 3.95 -1.12
CA SER A 94 9.95 3.38 -1.79
C SER A 94 10.88 4.45 -2.35
N PRO A 95 12.19 4.31 -2.08
CA PRO A 95 13.14 5.25 -2.68
C PRO A 95 13.28 5.04 -4.18
N ARG A 96 12.65 4.01 -4.73
CA ARG A 96 12.67 3.85 -6.18
C ARG A 96 11.29 3.99 -6.82
N GLN A 97 10.44 4.78 -6.16
CA GLN A 97 9.06 5.04 -6.68
C GLN A 97 8.96 5.27 -8.16
N SER A 98 9.87 6.10 -8.68
CA SER A 98 9.81 6.52 -10.09
C SER A 98 9.90 5.35 -11.06
N GLN A 99 10.43 4.21 -10.60
CA GLN A 99 10.48 3.00 -11.45
C GLN A 99 9.12 2.38 -11.69
N PHE A 100 8.22 2.54 -10.74
CA PHE A 100 6.92 1.86 -10.81
C PHE A 100 5.68 2.73 -10.59
N LEU A 101 5.87 4.04 -10.45
CA LEU A 101 4.75 4.97 -10.32
C LEU A 101 4.89 6.06 -11.35
N GLN A 102 3.74 6.44 -11.91
CA GLN A 102 3.70 7.51 -12.88
C GLN A 102 2.54 8.41 -12.53
N VAL A 103 2.82 9.68 -12.26
CA VAL A 103 1.76 10.64 -11.96
C VAL A 103 0.95 10.90 -13.22
N THR A 104 -0.38 10.87 -13.09
CA THR A 104 -1.22 11.02 -14.27
C THR A 104 -2.15 12.22 -14.18
N ALA A 105 -2.32 12.79 -12.99
CA ALA A 105 -3.13 13.99 -12.85
C ALA A 105 -2.69 14.78 -11.66
N THR A 106 -2.74 16.10 -11.79
CA THR A 106 -2.35 16.99 -10.72
C THR A 106 -3.28 18.19 -10.62
N GLU A 107 -3.18 18.91 -9.50
CA GLU A 107 -3.80 20.24 -9.42
C GLU A 107 -3.06 21.10 -8.39
N ASP A 108 -3.15 22.41 -8.54
CA ASP A 108 -2.40 23.33 -7.67
C ASP A 108 -2.77 23.17 -6.19
N TYR A 109 -1.77 23.30 -5.32
CA TYR A 109 -1.99 23.46 -3.88
C TYR A 109 -1.41 24.80 -3.49
N VAL A 110 -2.21 25.60 -2.78
CA VAL A 110 -1.76 26.90 -2.32
C VAL A 110 -1.72 26.91 -0.80
N ASP A 111 -0.56 27.26 -0.28
CA ASP A 111 -0.40 27.43 1.16
C ASP A 111 -1.18 28.67 1.54
N PRO A 112 -2.20 28.53 2.40
CA PRO A 112 -3.06 29.64 2.83
C PRO A 112 -2.33 30.83 3.45
N VAL A 113 -1.22 30.59 4.15
CA VAL A 113 -0.48 31.70 4.80
C VAL A 113 0.54 32.38 3.88
N THR A 114 1.29 31.58 3.13
CA THR A 114 2.38 32.13 2.33
C THR A 114 2.01 32.37 0.87
N ASN A 115 0.90 31.75 0.45
CA ASN A 115 0.47 31.74 -0.97
C ASN A 115 1.48 31.08 -1.92
N GLN A 116 2.43 30.32 -1.36
CA GLN A 116 3.34 29.51 -2.18
C GLN A 116 2.58 28.30 -2.72
N THR A 117 2.74 28.07 -4.01
CA THR A 117 2.06 26.97 -4.71
C THR A 117 2.88 25.70 -4.65
N LYS A 118 2.20 24.60 -4.33
CA LYS A 118 2.72 23.26 -4.51
C LYS A 118 1.71 22.53 -5.40
N THR A 119 1.88 21.23 -5.55
CA THR A 119 1.09 20.49 -6.52
C THR A 119 0.55 19.23 -5.87
N ASN A 120 -0.77 19.08 -5.84
CA ASN A 120 -1.40 17.81 -5.45
C ASN A 120 -1.21 16.76 -6.53
N VAL A 121 -0.78 15.58 -6.11
CA VAL A 121 -0.87 14.41 -6.94
C VAL A 121 -2.31 13.88 -6.89
N LYS A 122 -3.06 14.13 -7.96
CA LYS A 122 -4.49 13.78 -7.98
C LYS A 122 -4.74 12.33 -8.34
N GLU A 123 -3.93 11.79 -9.23
CA GLU A 123 -4.03 10.38 -9.63
C GLU A 123 -2.68 9.92 -10.11
N LEU A 124 -2.40 8.63 -9.93
CA LEU A 124 -1.20 8.07 -10.50
C LEU A 124 -1.39 6.63 -10.87
N GLN A 125 -0.49 6.12 -11.67
CA GLN A 125 -0.58 4.74 -12.15
C GLN A 125 0.51 3.94 -11.42
N TYR A 126 0.19 2.75 -10.94
CA TYR A 126 1.10 1.94 -10.13
C TYR A 126 1.32 0.61 -10.82
N TYR A 127 2.59 0.38 -11.20
CA TYR A 127 2.97 -0.85 -11.92
C TYR A 127 3.28 -1.91 -10.89
N VAL A 128 2.37 -2.88 -10.77
CA VAL A 128 2.40 -3.90 -9.70
C VAL A 128 2.77 -5.22 -10.37
N GLY A 129 3.72 -5.95 -9.80
CA GLY A 129 4.06 -7.28 -10.32
C GLY A 129 2.82 -8.16 -10.41
N GLN A 130 2.71 -8.90 -11.50
CA GLN A 130 1.65 -9.89 -11.63
C GLN A 130 1.80 -10.97 -10.56
N SER A 131 3.03 -11.45 -10.38
CA SER A 131 3.32 -12.44 -9.35
C SER A 131 3.06 -11.89 -7.98
N PHE A 132 3.42 -10.62 -7.77
CA PHE A 132 3.15 -10.03 -6.46
C PHE A 132 1.65 -10.02 -6.17
N ALA A 133 0.86 -9.53 -7.13
CA ALA A 133 -0.57 -9.43 -6.92
C ALA A 133 -1.20 -10.80 -6.67
N ASN A 134 -0.79 -11.80 -7.44
CA ASN A 134 -1.35 -13.13 -7.30
C ASN A 134 -0.97 -13.74 -5.96
N ALA A 135 0.27 -13.52 -5.52
CA ALA A 135 0.69 -14.05 -4.21
C ALA A 135 -0.01 -13.35 -3.04
N MET A 136 -0.23 -12.05 -3.19
CA MET A 136 -0.95 -11.31 -2.16
C MET A 136 -2.36 -11.87 -2.01
N TYR A 137 -3.02 -12.13 -3.14
CA TYR A 137 -4.37 -12.69 -3.13
C TYR A 137 -4.34 -14.13 -2.56
N ASN A 138 -3.39 -14.91 -3.03
CA ASN A 138 -3.28 -16.30 -2.61
C ASN A 138 -3.10 -16.39 -1.09
N ALA A 139 -2.32 -15.49 -0.50
CA ALA A 139 -2.10 -15.54 0.95
C ALA A 139 -3.32 -15.14 1.75
N CYS A 140 -4.27 -14.43 1.11
CA CYS A 140 -5.46 -13.91 1.82
C CYS A 140 -6.77 -14.58 1.47
N ARG A 141 -6.81 -15.36 0.41
CA ARG A 141 -8.08 -15.81 -0.16
C ARG A 141 -8.86 -16.81 0.72
N ASP A 142 -8.19 -17.42 1.71
CA ASP A 142 -8.88 -18.37 2.58
C ASP A 142 -9.19 -17.78 3.95
N VAL A 143 -8.76 -16.56 4.19
CA VAL A 143 -8.96 -15.94 5.50
C VAL A 143 -10.45 -15.77 5.75
N GLU A 144 -10.90 -16.25 6.90
CA GLU A 144 -12.30 -16.09 7.25
C GLU A 144 -12.49 -14.75 7.96
N ALA A 145 -13.61 -14.09 7.70
CA ALA A 145 -13.98 -12.96 8.54
C ALA A 145 -14.11 -13.44 9.99
N PRO A 146 -13.56 -12.69 10.97
CA PRO A 146 -13.62 -13.15 12.37
C PRO A 146 -15.02 -13.59 12.81
N SER A 147 -15.08 -14.73 13.51
CA SER A 147 -16.32 -15.36 13.98
C SER A 147 -17.41 -15.45 12.91
N SER A 148 -17.01 -15.96 11.74
CA SER A 148 -17.91 -16.25 10.63
C SER A 148 -17.38 -17.44 9.82
N ASN A 149 -18.19 -17.89 8.87
CA ASN A 149 -17.79 -18.90 7.89
C ASN A 149 -17.75 -18.30 6.48
N ASP A 150 -17.51 -17.00 6.40
CA ASP A 150 -17.40 -16.32 5.12
C ASP A 150 -15.98 -15.85 4.94
N LYS A 151 -15.63 -15.57 3.70
CA LYS A 151 -14.27 -15.15 3.43
C LYS A 151 -14.10 -13.64 3.59
N ALA A 152 -13.00 -13.27 4.25
CA ALA A 152 -12.69 -11.87 4.58
C ALA A 152 -12.61 -11.00 3.34
N LEU A 153 -12.15 -11.57 2.23
CA LEU A 153 -12.07 -10.75 1.01
C LEU A 153 -13.41 -10.19 0.55
N GLY A 154 -14.52 -10.89 0.87
CA GLY A 154 -15.86 -10.38 0.57
C GLY A 154 -16.18 -9.04 1.22
N LEU A 155 -15.34 -8.64 2.18
CA LEU A 155 -15.57 -7.37 2.87
C LEU A 155 -14.59 -6.28 2.49
N LEU A 156 -13.55 -6.66 1.76
CA LEU A 156 -12.52 -5.71 1.35
C LEU A 156 -12.42 -5.54 -0.17
N CYS A 157 -13.37 -6.09 -0.92
CA CYS A 157 -13.23 -6.20 -2.38
C CYS A 157 -14.35 -5.48 -3.13
N GLY A 158 -15.33 -4.95 -2.41
CA GLY A 158 -16.47 -4.24 -3.05
C GLY A 158 -17.37 -5.17 -3.86
N LYS A 159 -17.27 -6.46 -3.58
CA LYS A 159 -18.04 -7.50 -4.25
C LYS A 159 -17.93 -8.72 -3.38
N ASP A 160 -18.75 -9.74 -3.64
CA ASP A 160 -18.64 -10.97 -2.87
C ASP A 160 -17.34 -11.71 -3.15
N ALA A 161 -16.94 -12.58 -2.23
CA ALA A 161 -15.67 -13.28 -2.34
C ALA A 161 -15.61 -14.13 -3.61
N ASP A 162 -16.75 -14.67 -4.06
CA ASP A 162 -16.76 -15.51 -5.28
C ASP A 162 -16.51 -14.71 -6.57
N ALA A 163 -16.55 -13.38 -6.47
CA ALA A 163 -16.29 -12.50 -7.61
C ALA A 163 -14.94 -11.80 -7.46
N CYS A 164 -14.40 -11.82 -6.24
CA CYS A 164 -13.10 -11.17 -5.97
C CYS A 164 -11.94 -11.95 -6.61
N GLN A 165 -11.09 -11.23 -7.33
CA GLN A 165 -9.87 -11.80 -7.93
C GLN A 165 -8.70 -10.88 -7.60
N ALA A 166 -7.48 -11.37 -7.78
CA ALA A 166 -6.28 -10.61 -7.38
C ALA A 166 -6.27 -9.19 -7.86
N THR A 167 -6.52 -9.00 -9.16
CA THR A 167 -6.35 -7.68 -9.74
C THR A 167 -7.55 -6.79 -9.46
N ASN A 168 -8.75 -7.37 -9.39
CA ASN A 168 -9.92 -6.53 -9.10
C ASN A 168 -9.96 -6.13 -7.62
N TRP A 169 -9.30 -6.92 -6.77
CA TRP A 169 -9.19 -6.57 -5.36
C TRP A 169 -8.34 -5.31 -5.19
N ILE A 170 -7.16 -5.34 -5.81
CA ILE A 170 -6.25 -4.21 -5.75
C ILE A 170 -6.88 -2.98 -6.46
N GLU A 171 -7.50 -3.18 -7.62
CA GLU A 171 -8.17 -2.05 -8.29
C GLU A 171 -9.26 -1.44 -7.37
N TYR A 172 -10.03 -2.28 -6.67
CA TYR A 172 -11.06 -1.74 -5.77
C TYR A 172 -10.47 -0.92 -4.61
N MET A 173 -9.47 -1.49 -3.95
CA MET A 173 -8.87 -0.82 -2.80
C MET A 173 -8.30 0.52 -3.18
N PHE A 174 -7.78 0.59 -4.41
CA PHE A 174 -7.11 1.79 -4.87
C PHE A 174 -8.07 2.82 -5.50
N ASN A 175 -9.37 2.54 -5.49
CA ASN A 175 -10.35 3.43 -6.12
C ASN A 175 -10.95 4.37 -5.07
N LYS A 176 -10.81 5.69 -5.23
CA LYS A 176 -11.32 6.57 -4.17
C LYS A 176 -12.82 6.48 -4.01
N ASP A 177 -13.51 5.88 -4.99
CA ASP A 177 -14.97 5.72 -4.92
C ASP A 177 -15.33 4.83 -3.72
N ASN A 178 -14.35 4.11 -3.18
CA ASN A 178 -14.60 3.25 -2.00
C ASN A 178 -14.75 4.01 -0.69
N GLY A 179 -14.47 5.30 -0.71
CA GLY A 179 -14.67 6.16 0.45
C GLY A 179 -13.55 6.07 1.49
N GLN A 180 -12.55 5.26 1.21
CA GLN A 180 -11.37 5.10 2.07
C GLN A 180 -10.08 5.60 1.42
N ALA A 181 -9.84 5.16 0.19
CA ALA A 181 -8.66 5.62 -0.54
C ALA A 181 -8.79 7.14 -0.74
N PRO A 182 -7.77 7.92 -0.39
CA PRO A 182 -7.91 9.38 -0.50
C PRO A 182 -7.93 9.87 -1.93
N PHE A 183 -7.35 9.08 -2.84
CA PHE A 183 -7.26 9.45 -4.26
C PHE A 183 -7.07 8.15 -5.01
N THR A 184 -7.37 8.19 -6.30
CA THR A 184 -7.30 6.96 -7.08
C THR A 184 -5.91 6.62 -7.59
N ILE A 185 -5.57 5.35 -7.47
CA ILE A 185 -4.32 4.80 -8.01
C ILE A 185 -4.78 3.78 -9.01
N THR A 186 -4.34 3.88 -10.26
CA THR A 186 -4.77 2.94 -11.32
C THR A 186 -3.67 1.88 -11.45
N PRO A 187 -3.95 0.60 -11.10
CA PRO A 187 -2.89 -0.42 -11.17
C PRO A 187 -2.73 -1.01 -12.57
N VAL A 188 -1.49 -1.31 -12.91
CA VAL A 188 -1.14 -2.03 -14.15
C VAL A 188 -0.37 -3.26 -13.67
N PHE A 189 -0.76 -4.47 -14.09
CA PHE A 189 -0.13 -5.68 -13.56
C PHE A 189 0.71 -6.35 -14.61
N SER A 190 1.98 -6.56 -14.29
CA SER A 190 2.94 -7.10 -15.23
C SER A 190 4.14 -7.66 -14.50
N ASP A 191 4.60 -8.84 -14.94
CA ASP A 191 5.86 -9.39 -14.43
C ASP A 191 7.03 -8.93 -15.29
N PHE A 192 6.72 -8.10 -16.30
CA PHE A 192 7.66 -7.65 -17.32
C PHE A 192 7.71 -6.13 -17.28
N PRO A 193 8.87 -5.54 -17.60
CA PRO A 193 8.87 -4.05 -17.74
C PRO A 193 7.87 -3.57 -18.78
N VAL A 194 7.40 -2.34 -18.58
CA VAL A 194 6.39 -1.78 -19.45
C VAL A 194 6.86 -0.40 -19.81
N HIS A 195 7.30 -0.23 -21.06
CA HIS A 195 7.80 1.06 -21.52
C HIS A 195 8.82 1.64 -20.54
N GLY A 196 9.73 0.79 -20.09
CA GLY A 196 10.77 1.26 -19.19
C GLY A 196 10.42 1.26 -17.72
N MET A 197 9.14 1.09 -17.38
CA MET A 197 8.75 0.96 -15.98
C MET A 197 9.03 -0.45 -15.46
N GLU A 198 9.57 -0.55 -14.25
CA GLU A 198 9.92 -1.84 -13.67
C GLU A 198 8.93 -2.13 -12.55
N PRO A 199 7.96 -3.04 -12.79
CA PRO A 199 6.91 -3.23 -11.79
C PRO A 199 7.43 -3.62 -10.42
N MET A 200 6.70 -3.21 -9.38
CA MET A 200 7.02 -3.57 -8.01
C MET A 200 6.76 -5.07 -7.83
N ASN A 201 7.82 -5.84 -7.61
CA ASN A 201 7.65 -7.30 -7.49
C ASN A 201 8.38 -7.85 -6.26
N ASN A 202 8.12 -7.22 -5.11
CA ASN A 202 8.74 -7.60 -3.86
C ASN A 202 8.43 -9.05 -3.53
N ALA A 203 9.36 -9.68 -2.83
CA ALA A 203 9.12 -10.99 -2.25
C ALA A 203 7.89 -10.98 -1.36
N THR A 204 7.19 -12.12 -1.35
CA THR A 204 5.97 -12.28 -0.56
C THR A 204 6.05 -13.51 0.34
N LYS A 205 5.19 -13.53 1.35
CA LYS A 205 5.07 -14.65 2.27
C LYS A 205 3.72 -15.35 2.08
N GLY A 206 3.72 -16.66 2.00
CA GLY A 206 2.45 -17.37 1.92
C GLY A 206 1.84 -17.49 3.29
N CYS A 207 0.57 -17.84 3.36
CA CYS A 207 -0.13 -17.96 4.66
C CYS A 207 0.41 -19.13 5.48
N ASP A 208 1.15 -20.02 4.82
CA ASP A 208 1.78 -21.15 5.52
C ASP A 208 3.17 -20.83 6.09
N GLU A 209 3.64 -19.60 5.86
CA GLU A 209 4.95 -19.17 6.32
C GLU A 209 4.85 -18.19 7.47
N SER A 210 5.87 -18.20 8.32
CA SER A 210 6.00 -17.19 9.37
C SER A 210 6.47 -15.88 8.75
N VAL A 211 5.91 -14.75 9.20
CA VAL A 211 6.39 -13.45 8.75
C VAL A 211 7.79 -13.19 9.32
N ASP A 212 7.98 -13.54 10.60
CA ASP A 212 9.27 -13.40 11.26
C ASP A 212 9.36 -14.36 12.43
N GLU A 213 10.42 -14.23 13.23
CA GLU A 213 10.72 -15.15 14.33
C GLU A 213 9.66 -15.18 15.43
N VAL A 214 8.90 -14.09 15.55
CA VAL A 214 7.89 -13.95 16.60
C VAL A 214 6.46 -13.96 16.07
N THR A 215 6.31 -14.30 14.79
CA THR A 215 5.01 -14.28 14.13
C THR A 215 4.76 -15.59 13.37
N ALA A 216 3.89 -16.43 13.93
CA ALA A 216 3.58 -17.76 13.37
C ALA A 216 2.81 -17.72 12.04
N PRO A 217 2.82 -18.84 11.29
CA PRO A 217 1.94 -18.95 10.12
C PRO A 217 0.46 -18.80 10.49
N CYS A 218 -0.40 -18.63 9.49
CA CYS A 218 -1.83 -18.53 9.73
C CYS A 218 -2.44 -19.88 10.09
N SER A 219 -3.64 -19.84 10.64
CA SER A 219 -4.36 -21.05 11.05
C SER A 219 -4.91 -21.83 9.85
N CYS A 220 -5.20 -23.11 10.05
CA CYS A 220 -5.87 -23.93 9.04
C CYS A 220 -7.20 -23.31 8.57
N GLN A 221 -7.96 -22.78 9.53
CA GLN A 221 -9.22 -22.09 9.26
C GLN A 221 -9.08 -20.96 8.24
N ASP A 222 -7.93 -20.27 8.26
CA ASP A 222 -7.66 -19.12 7.37
C ASP A 222 -6.72 -19.45 6.21
N CYS A 223 -6.28 -20.69 6.09
CA CYS A 223 -5.18 -21.01 5.19
C CYS A 223 -5.18 -22.52 4.96
N SER A 224 -5.83 -22.96 3.87
CA SER A 224 -6.03 -24.41 3.68
C SER A 224 -4.73 -25.22 3.52
N ILE A 225 -3.64 -24.55 3.14
CA ILE A 225 -2.32 -25.21 3.05
C ILE A 225 -1.86 -25.86 4.35
N VAL A 226 -2.06 -25.17 5.49
CA VAL A 226 -1.54 -25.69 6.77
C VAL A 226 -2.38 -26.79 7.41
N CYS A 227 -3.56 -27.04 6.86
CA CYS A 227 -4.45 -28.09 7.42
C CYS A 227 -3.85 -29.49 7.29
C1 NAG B . 11.00 -4.77 -1.13
C2 NAG B . 11.12 -4.50 0.39
C3 NAG B . 12.48 -3.86 0.71
C4 NAG B . 13.65 -4.62 0.05
C5 NAG B . 13.35 -4.93 -1.41
C6 NAG B . 14.39 -5.85 -2.08
C7 NAG B . 9.45 -3.69 1.99
C8 NAG B . 8.45 -2.60 2.23
N2 NAG B . 10.09 -3.58 0.84
O3 NAG B . 12.63 -3.88 2.12
O4 NAG B . 14.84 -3.84 0.12
O5 NAG B . 12.11 -5.57 -1.49
O6 NAG B . 14.50 -7.06 -1.37
O7 NAG B . 9.64 -4.57 2.83
C1 NAG B . 15.85 -4.54 0.88
C2 NAG B . 17.21 -3.88 0.67
C3 NAG B . 18.29 -4.55 1.52
C4 NAG B . 17.84 -4.69 2.97
C5 NAG B . 16.44 -5.31 3.06
C6 NAG B . 15.88 -5.32 4.49
C7 NAG B . 17.40 -2.95 -1.59
C8 NAG B . 17.76 -3.24 -3.03
N2 NAG B . 17.60 -3.94 -0.74
O3 NAG B . 19.49 -3.80 1.46
O4 NAG B . 18.80 -5.50 3.66
O5 NAG B . 15.53 -4.59 2.24
O6 NAG B . 16.11 -4.07 5.13
O7 NAG B . 16.93 -1.84 -1.28
C1 NAG C . -1.94 -20.60 -2.60
C2 NAG C . -3.26 -21.35 -2.43
C3 NAG C . -2.99 -22.82 -2.05
C4 NAG C . -1.90 -23.48 -2.91
C5 NAG C . -0.73 -22.53 -3.18
C6 NAG C . 0.23 -23.08 -4.22
C7 NAG C . -3.84 -20.33 -0.24
C8 NAG C . -4.94 -19.80 0.63
N2 NAG C . -4.17 -20.72 -1.48
O3 NAG C . -4.20 -23.56 -2.13
O4 NAG C . -1.40 -24.59 -2.21
O5 NAG C . -1.21 -21.27 -3.61
O6 NAG C . 1.31 -22.20 -4.38
O7 NAG C . -2.69 -20.38 0.19
C18 HC3 D . -6.40 3.73 2.05
C13 HC3 D . -5.29 2.72 1.83
C12 HC3 D . -4.24 2.70 2.97
C11 HC3 D . -3.56 4.07 3.10
C9 HC3 D . -2.85 4.53 1.81
C10 HC3 D . -2.31 5.98 1.94
C19 HC3 D . -3.41 6.93 2.43
C1 HC3 D . -1.10 6.05 2.90
C2 HC3 D . -0.37 7.41 2.90
C3 HC3 D . 0.27 7.60 1.51
O1 HC3 D . 1.01 8.82 1.53
C4 HC3 D . -0.85 7.65 0.47
C5 HC3 D . -1.78 6.44 0.58
C6 HC3 D . -2.12 5.84 -0.58
C7 HC3 D . -2.96 4.59 -0.71
C8 HC3 D . -3.77 4.35 0.57
C14 HC3 D . -4.48 3.00 0.56
C15 HC3 D . -5.45 2.66 -0.59
C16 HC3 D . -6.30 1.52 -0.02
C17 HC3 D . -5.92 1.36 1.47
C20 HC3 D . -7.10 0.84 2.28
C21 HC3 D . -6.78 0.76 3.78
C22 HC3 D . -7.46 -0.57 1.80
C23 HC3 D . -8.86 -1.02 2.24
C24 HC3 D . -9.97 -0.22 1.55
C25 HC3 D . -11.36 -0.75 1.91
C26 HC3 D . -12.43 0.19 1.37
C27 HC3 D . -11.54 -2.17 1.39
O2 HC3 D . -11.51 -0.80 3.35
#